data_4WPT
#
_entry.id   4WPT
#
_cell.length_a   103.574
_cell.length_b   122.813
_cell.length_c   64.556
_cell.angle_alpha   90.000
_cell.angle_beta   116.660
_cell.angle_gamma   90.000
#
_symmetry.space_group_name_H-M   'C 1 2 1'
#
loop_
_entity.id
_entity.type
_entity.pdbx_description
1 polymer 'Phosphoenolpyruvate carboxykinase [GTP]'
2 non-polymer GLYCEROL
3 non-polymer 'PHOSPHATE ION'
4 non-polymer PHOSPHOENOLPYRUVATE
5 water water
#
_entity_poly.entity_id   1
_entity_poly.type   'polypeptide(L)'
_entity_poly.pdbx_seq_one_letter_code
;HHHHHHSSGLVPAGSHMTSATIPGLDTAPTNHQGLLSWVEEVAELTQPDRVVFTDGSEEEFQRLCDQLVEAGTFIRLNPE
KHKNSYLALSDPSDVARVESRTYICSAKEIDAGPTNNWMDPGEMRSIMKDLYRGCMRGRTMYVVPFCMGPLGAEDPKLGV
EITDSEYVVVSMRTMTRMGKAALEKMGDDGFFVKALHSVGAPLEPGQKDVAWPCSETKYITHFPETREIWSYGSGYGGNA
LLGKKCYSLRIASAMAHDEGWLAEHMLILKLISPENKAYYFAAAFPSACGKTNLAMLQPTIPGWRAETLGDDIAWMRFGK
DGRLYAVNPEFGFFGVAPGTNWKSNPNAMRTIAAGNTVFTNVALTDDGDVWWEGLEGDPQHLIDWKGNDWYFRETETNAA
HPNSRYCTPMSQCPILAPEWDDPQGVPISGILFGGRRKTTVPLVTEARDWQHGVFIGATLGSEQTAAAEGKVGNVRRDPM
AMLPFLGYNVGDYFQHWINLGKHADESKLPKVFFVNWFRRGDDGRFLWPGFGENSRVLKWIVDRIEHKAGGATTPIGTVP
AVEDLDLDGLDVDAADVAAALAVDADEWRQELPLIEEWLQFVGEKLPTGVKDEFDALKERLG
;
_entity_poly.pdbx_strand_id   A
#
loop_
_chem_comp.id
_chem_comp.type
_chem_comp.name
_chem_comp.formula
GOL non-polymer GLYCEROL 'C3 H8 O3'
PEP non-polymer PHOSPHOENOLPYRUVATE 'C3 H5 O6 P'
PO4 non-polymer 'PHOSPHATE ION' 'O4 P -3'
#
# COMPACT_ATOMS: atom_id res chain seq x y z
N SER A 15 21.89 15.54 33.59
CA SER A 15 20.95 16.06 32.59
C SER A 15 19.94 14.99 32.17
N HIS A 16 20.36 13.73 32.18
CA HIS A 16 19.47 12.59 31.93
C HIS A 16 18.30 12.64 32.92
N MET A 17 17.08 12.41 32.43
CA MET A 17 15.90 12.45 33.28
C MET A 17 15.24 11.08 33.41
N THR A 18 14.88 10.71 34.63
CA THR A 18 14.09 9.50 34.85
C THR A 18 12.74 9.77 34.21
N SER A 19 12.18 8.75 33.54
CA SER A 19 10.92 8.90 32.80
C SER A 19 9.86 9.64 33.60
N ALA A 20 9.70 9.25 34.86
CA ALA A 20 8.75 9.86 35.78
C ALA A 20 8.73 11.39 35.74
N THR A 21 9.92 12.00 35.66
CA THR A 21 10.04 13.46 35.68
C THR A 21 9.97 14.14 34.31
N ILE A 22 9.91 13.36 33.24
CA ILE A 22 9.80 13.96 31.92
C ILE A 22 8.39 14.55 31.77
N PRO A 23 8.30 15.84 31.39
CA PRO A 23 7.01 16.51 31.23
C PRO A 23 6.07 15.71 30.32
N GLY A 24 4.83 15.55 30.74
CA GLY A 24 3.86 14.79 29.94
C GLY A 24 3.58 13.41 30.50
N LEU A 25 4.56 12.80 31.16
CA LEU A 25 4.36 11.46 31.72
C LEU A 25 3.54 11.52 33.02
N ASP A 26 3.64 12.65 33.72
CA ASP A 26 2.84 12.92 34.91
C ASP A 26 1.34 12.90 34.59
N THR A 27 1.01 13.27 33.36
CA THR A 27 -0.38 13.43 32.95
C THR A 27 -0.80 12.36 31.95
N ALA A 28 0.00 11.29 31.86
CA ALA A 28 -0.28 10.20 30.93
C ALA A 28 -1.57 9.48 31.30
N PRO A 29 -2.21 8.84 30.30
CA PRO A 29 -3.29 7.88 30.54
C PRO A 29 -2.78 6.67 31.31
N THR A 30 -3.50 6.26 32.35
CA THR A 30 -3.03 5.21 33.25
C THR A 30 -3.94 3.99 33.18
N ASN A 31 -4.98 4.08 32.38
CA ASN A 31 -5.94 3.01 32.24
C ASN A 31 -5.31 1.76 31.67
N HIS A 32 -4.37 1.93 30.73
CA HIS A 32 -3.64 0.82 30.15
C HIS A 32 -2.18 0.88 30.61
N GLN A 33 -1.82 0.02 31.56
CA GLN A 33 -0.49 0.05 32.18
C GLN A 33 0.60 -0.51 31.27
N GLY A 34 0.25 -1.49 30.44
CA GLY A 34 1.22 -2.05 29.51
C GLY A 34 1.72 -0.98 28.57
N LEU A 35 0.80 -0.15 28.08
CA LEU A 35 1.14 0.99 27.24
C LEU A 35 1.98 2.00 28.02
N LEU A 36 1.53 2.38 29.21
CA LEU A 36 2.26 3.36 30.01
C LEU A 36 3.68 2.92 30.34
N SER A 37 3.84 1.67 30.77
CA SER A 37 5.17 1.14 31.06
C SER A 37 6.09 1.16 29.85
N TRP A 38 5.54 0.85 28.67
CA TRP A 38 6.33 0.86 27.45
C TRP A 38 6.78 2.28 27.11
N VAL A 39 5.85 3.22 27.17
CA VAL A 39 6.16 4.62 26.91
C VAL A 39 7.26 5.12 27.85
N GLU A 40 7.15 4.78 29.13
CA GLU A 40 8.14 5.18 30.12
C GLU A 40 9.52 4.59 29.83
N GLU A 41 9.54 3.31 29.45
CA GLU A 41 10.79 2.64 29.12
C GLU A 41 11.46 3.28 27.90
N VAL A 42 10.66 3.52 26.85
CA VAL A 42 11.19 4.17 25.65
C VAL A 42 11.69 5.58 25.95
N ALA A 43 10.90 6.37 26.65
CA ALA A 43 11.32 7.74 26.98
C ALA A 43 12.59 7.78 27.83
N GLU A 44 12.76 6.81 28.72
CA GLU A 44 13.96 6.71 29.54
C GLU A 44 15.17 6.54 28.64
N LEU A 45 15.00 5.77 27.57
CA LEU A 45 16.07 5.48 26.61
C LEU A 45 16.36 6.68 25.68
N THR A 46 15.32 7.21 25.06
CA THR A 46 15.49 8.23 24.03
C THR A 46 15.62 9.65 24.56
N GLN A 47 15.17 9.87 25.79
CA GLN A 47 15.33 11.18 26.45
C GLN A 47 14.73 12.37 25.72
N PRO A 48 13.43 12.31 25.42
CA PRO A 48 12.78 13.49 24.84
C PRO A 48 12.63 14.61 25.88
N ASP A 49 12.36 15.82 25.41
CA ASP A 49 12.12 16.95 26.30
C ASP A 49 10.76 16.84 26.97
N ARG A 50 9.83 16.15 26.31
CA ARG A 50 8.47 16.00 26.82
C ARG A 50 7.75 14.93 26.02
N VAL A 51 6.66 14.41 26.59
CA VAL A 51 5.87 13.35 25.97
C VAL A 51 4.43 13.82 25.80
N VAL A 52 3.86 13.55 24.61
CA VAL A 52 2.49 13.94 24.30
C VAL A 52 1.74 12.72 23.77
N PHE A 53 0.60 12.41 24.38
CA PHE A 53 -0.30 11.38 23.88
C PHE A 53 -1.32 12.06 22.96
N THR A 54 -1.41 11.59 21.71
CA THR A 54 -2.26 12.27 20.73
C THR A 54 -3.69 11.77 20.76
N ASP A 55 -4.63 12.66 20.47
CA ASP A 55 -6.05 12.28 20.54
C ASP A 55 -6.80 12.31 19.23
N GLY A 56 -6.14 12.79 18.18
CA GLY A 56 -6.69 12.75 16.85
C GLY A 56 -7.71 13.84 16.57
N SER A 57 -7.93 14.73 17.53
CA SER A 57 -8.94 15.78 17.39
C SER A 57 -8.56 16.86 16.38
N GLU A 58 -9.56 17.60 15.93
CA GLU A 58 -9.31 18.72 15.02
CA GLU A 58 -9.35 18.75 15.03
C GLU A 58 -8.50 19.82 15.70
N GLU A 59 -8.77 20.07 16.98
CA GLU A 59 -8.00 21.09 17.70
C GLU A 59 -6.51 20.73 17.75
N GLU A 60 -6.23 19.47 18.02
CA GLU A 60 -4.86 18.97 18.03
C GLU A 60 -4.23 19.08 16.64
N PHE A 61 -4.98 18.70 15.62
CA PHE A 61 -4.48 18.72 14.25
C PHE A 61 -4.04 20.12 13.85
N GLN A 62 -4.84 21.13 14.15
CA GLN A 62 -4.48 22.49 13.75
CA GLN A 62 -4.49 22.50 13.77
C GLN A 62 -3.30 23.02 14.57
N ARG A 63 -3.23 22.62 15.84
CA ARG A 63 -2.09 23.01 16.69
C ARG A 63 -0.78 22.43 16.15
N LEU A 64 -0.78 21.15 15.80
CA LEU A 64 0.41 20.52 15.24
C LEU A 64 0.78 21.15 13.90
N CYS A 65 -0.22 21.44 13.08
CA CYS A 65 0.05 22.08 11.79
C CYS A 65 0.66 23.47 11.97
N ASP A 66 0.19 24.25 12.95
CA ASP A 66 0.78 25.57 13.21
C ASP A 66 2.25 25.38 13.55
N GLN A 67 2.57 24.37 14.34
CA GLN A 67 3.94 24.13 14.75
C GLN A 67 4.79 23.71 13.56
N LEU A 68 4.19 22.91 12.66
CA LEU A 68 4.92 22.49 11.47
C LEU A 68 5.19 23.67 10.52
N VAL A 69 4.25 24.60 10.42
CA VAL A 69 4.45 25.82 9.62
C VAL A 69 5.54 26.69 10.27
N GLU A 70 5.48 26.83 11.59
CA GLU A 70 6.52 27.57 12.31
C GLU A 70 7.93 26.98 12.11
N ALA A 71 8.02 25.65 12.05
CA ALA A 71 9.33 24.99 11.89
C ALA A 71 9.81 25.04 10.45
N GLY A 72 8.92 25.39 9.53
CA GLY A 72 9.26 25.38 8.13
C GLY A 72 9.06 24.05 7.45
N THR A 73 8.67 23.03 8.22
CA THR A 73 8.36 21.72 7.66
C THR A 73 7.20 21.80 6.68
N PHE A 74 6.19 22.60 7.04
CA PHE A 74 5.07 22.87 6.15
C PHE A 74 5.06 24.33 5.74
N ILE A 75 4.56 24.58 4.54
CA ILE A 75 3.96 25.87 4.24
CA ILE A 75 3.96 25.88 4.24
C ILE A 75 2.46 25.62 4.01
N ARG A 76 1.64 26.62 4.28
CA ARG A 76 0.19 26.49 4.08
C ARG A 76 -0.13 26.82 2.63
N LEU A 77 -0.74 25.86 1.94
CA LEU A 77 -1.16 26.08 0.58
C LEU A 77 -2.36 27.02 0.53
N ASN A 78 -2.56 27.65 -0.63
CA ASN A 78 -3.68 28.57 -0.81
C ASN A 78 -4.99 27.86 -0.47
N PRO A 79 -5.68 28.34 0.58
CA PRO A 79 -6.91 27.65 1.04
C PRO A 79 -8.07 27.76 0.07
N GLU A 80 -8.00 28.70 -0.88
CA GLU A 80 -9.05 28.82 -1.88
C GLU A 80 -9.00 27.64 -2.84
N LYS A 81 -7.83 27.02 -3.00
CA LYS A 81 -7.66 25.93 -3.95
C LYS A 81 -7.60 24.56 -3.25
N HIS A 82 -7.03 24.54 -2.05
CA HIS A 82 -7.03 23.34 -1.23
C HIS A 82 -7.20 23.76 0.21
N LYS A 83 -8.39 23.58 0.78
CA LYS A 83 -8.61 23.96 2.16
C LYS A 83 -7.75 23.12 3.08
N ASN A 84 -7.24 23.74 4.13
CA ASN A 84 -6.54 23.00 5.20
C ASN A 84 -5.46 22.07 4.63
N SER A 85 -4.61 22.60 3.75
CA SER A 85 -3.62 21.78 3.05
C SER A 85 -2.22 22.39 3.13
N TYR A 86 -1.21 21.52 3.06
CA TYR A 86 0.17 21.89 3.39
C TYR A 86 1.12 21.22 2.42
N LEU A 87 2.27 21.87 2.20
CA LEU A 87 3.36 21.33 1.37
C LEU A 87 4.60 21.17 2.25
N ALA A 88 5.20 20.00 2.18
CA ALA A 88 6.44 19.71 2.87
C ALA A 88 7.51 19.34 1.85
N LEU A 89 8.72 19.89 2.01
CA LEU A 89 9.86 19.53 1.17
C LEU A 89 10.86 18.78 2.04
N SER A 90 11.27 17.59 1.60
CA SER A 90 12.16 16.76 2.40
C SER A 90 13.63 16.99 2.07
N ASP A 91 14.49 16.55 2.99
CA ASP A 91 15.92 16.43 2.74
C ASP A 91 16.07 15.53 1.50
N PRO A 92 16.92 15.94 0.54
CA PRO A 92 17.08 15.14 -0.69
C PRO A 92 17.66 13.73 -0.47
N SER A 93 18.17 13.46 0.73
CA SER A 93 18.65 12.13 1.06
C SER A 93 17.56 11.23 1.56
N ASP A 94 16.36 11.79 1.73
CA ASP A 94 15.25 11.08 2.38
C ASP A 94 13.98 11.28 1.56
N VAL A 95 13.87 10.54 0.46
CA VAL A 95 12.80 10.78 -0.51
C VAL A 95 12.01 9.53 -0.87
N ALA A 96 12.31 8.40 -0.22
CA ALA A 96 11.65 7.14 -0.58
C ALA A 96 11.90 6.06 0.46
N ARG A 97 11.09 5.00 0.40
CA ARG A 97 11.38 3.77 1.13
C ARG A 97 12.78 3.30 0.78
N VAL A 98 13.50 2.78 1.77
CA VAL A 98 14.82 2.20 1.50
C VAL A 98 14.80 0.69 1.75
N GLU A 99 14.65 -0.07 0.68
CA GLU A 99 14.51 -1.53 0.79
C GLU A 99 15.73 -2.21 1.40
N SER A 100 16.93 -1.75 1.03
CA SER A 100 18.16 -2.36 1.51
C SER A 100 18.37 -2.21 3.02
N ARG A 101 17.59 -1.32 3.63
CA ARG A 101 17.70 -1.04 5.05
C ARG A 101 16.47 -1.54 5.80
N THR A 102 15.64 -2.32 5.09
CA THR A 102 14.42 -2.87 5.67
C THR A 102 14.65 -4.34 6.02
N TYR A 103 14.33 -4.73 7.25
CA TYR A 103 14.69 -6.05 7.81
C TYR A 103 13.54 -6.81 8.43
N ILE A 104 13.58 -8.13 8.25
CA ILE A 104 12.66 -9.03 8.93
C ILE A 104 13.53 -9.81 9.91
N CYS A 105 13.36 -9.56 11.19
CA CYS A 105 14.25 -10.13 12.20
C CYS A 105 13.58 -11.24 12.98
N SER A 106 13.24 -12.31 12.27
CA SER A 106 12.73 -13.51 12.91
C SER A 106 13.86 -14.25 13.63
N ALA A 107 13.48 -15.10 14.58
CA ALA A 107 14.46 -15.86 15.37
C ALA A 107 15.37 -16.66 14.45
N LYS A 108 14.80 -17.23 13.39
CA LYS A 108 15.58 -18.00 12.43
C LYS A 108 15.54 -17.37 11.06
N GLU A 109 16.68 -17.41 10.36
CA GLU A 109 16.79 -16.82 9.04
C GLU A 109 15.79 -17.39 8.04
N ILE A 110 15.52 -18.69 8.12
CA ILE A 110 14.65 -19.34 7.13
C ILE A 110 13.23 -18.75 7.18
N ASP A 111 12.83 -18.26 8.35
CA ASP A 111 11.50 -17.68 8.51
C ASP A 111 11.41 -16.24 8.00
N ALA A 112 12.55 -15.69 7.57
CA ALA A 112 12.54 -14.46 6.79
C ALA A 112 12.50 -14.90 5.32
N GLY A 113 13.46 -15.74 4.93
CA GLY A 113 13.40 -16.36 3.63
C GLY A 113 14.05 -15.52 2.54
N PRO A 114 14.09 -16.06 1.33
CA PRO A 114 14.90 -15.46 0.26
C PRO A 114 14.42 -14.11 -0.29
N THR A 115 13.19 -13.70 0.02
CA THR A 115 12.68 -12.41 -0.46
C THR A 115 12.86 -11.31 0.59
N ASN A 116 13.51 -11.65 1.69
CA ASN A 116 13.64 -10.71 2.81
C ASN A 116 15.08 -10.53 3.24
N ASN A 117 15.35 -9.37 3.85
CA ASN A 117 16.64 -9.11 4.46
C ASN A 117 16.54 -9.51 5.92
N TRP A 118 17.46 -10.38 6.35
CA TRP A 118 17.43 -10.90 7.71
C TRP A 118 18.66 -10.46 8.50
N MET A 119 18.46 -10.30 9.80
CA MET A 119 19.57 -10.19 10.73
C MET A 119 19.10 -10.84 12.02
N ASP A 120 20.01 -11.50 12.73
CA ASP A 120 19.74 -12.02 14.05
C ASP A 120 19.08 -10.93 14.91
N PRO A 121 17.93 -11.24 15.53
CA PRO A 121 17.21 -10.24 16.33
C PRO A 121 18.04 -9.70 17.50
N GLY A 122 18.79 -10.54 18.18
CA GLY A 122 19.67 -10.05 19.24
C GLY A 122 20.65 -9.01 18.71
N GLU A 123 21.29 -9.32 17.58
CA GLU A 123 22.24 -8.42 16.97
C GLU A 123 21.58 -7.10 16.59
N MET A 124 20.40 -7.18 15.96
CA MET A 124 19.70 -5.98 15.54
C MET A 124 19.33 -5.09 16.71
N ARG A 125 18.83 -5.72 17.78
CA ARG A 125 18.41 -4.98 18.96
C ARG A 125 19.58 -4.25 19.61
N SER A 126 20.76 -4.87 19.60
CA SER A 126 21.96 -4.23 20.16
CA SER A 126 21.95 -4.23 20.16
C SER A 126 22.32 -2.99 19.36
N ILE A 127 22.23 -3.09 18.04
CA ILE A 127 22.55 -1.96 17.19
C ILE A 127 21.52 -0.85 17.40
N MET A 128 20.24 -1.19 17.29
CA MET A 128 19.22 -0.14 17.34
C MET A 128 19.01 0.47 18.72
N LYS A 129 19.11 -0.33 19.78
CA LYS A 129 19.04 0.24 21.13
C LYS A 129 20.16 1.25 21.32
N ASP A 130 21.33 0.97 20.76
CA ASP A 130 22.41 1.94 20.84
C ASP A 130 22.05 3.23 20.10
N LEU A 131 21.48 3.10 18.90
CA LEU A 131 21.07 4.27 18.13
C LEU A 131 20.00 5.10 18.83
N TYR A 132 19.07 4.41 19.48
CA TYR A 132 17.94 5.08 20.14
C TYR A 132 18.33 5.80 21.42
N ARG A 133 19.46 5.43 22.04
CA ARG A 133 19.89 6.10 23.26
C ARG A 133 20.08 7.59 23.03
N GLY A 134 19.28 8.40 23.73
CA GLY A 134 19.36 9.84 23.63
C GLY A 134 18.95 10.44 22.30
N CYS A 135 18.32 9.63 21.44
CA CYS A 135 18.07 10.12 20.09
C CYS A 135 16.98 11.21 20.00
N MET A 136 16.16 11.34 21.03
CA MET A 136 15.07 12.32 20.98
C MET A 136 15.37 13.57 21.81
N ARG A 137 16.63 13.72 22.21
CA ARG A 137 16.99 14.91 22.99
C ARG A 137 16.55 16.14 22.23
N GLY A 138 15.92 17.07 22.96
CA GLY A 138 15.51 18.33 22.37
C GLY A 138 14.22 18.24 21.58
N ARG A 139 13.58 17.08 21.61
CA ARG A 139 12.35 16.87 20.84
C ARG A 139 11.16 16.40 21.67
N THR A 140 9.97 16.69 21.19
CA THR A 140 8.76 16.09 21.74
C THR A 140 8.66 14.65 21.25
N MET A 141 8.35 13.74 22.17
CA MET A 141 8.03 12.36 21.81
C MET A 141 6.51 12.20 21.80
N TYR A 142 5.97 11.83 20.65
CA TYR A 142 4.53 11.65 20.50
C TYR A 142 4.18 10.17 20.66
N VAL A 143 3.08 9.91 21.35
CA VAL A 143 2.55 8.57 21.52
C VAL A 143 1.23 8.52 20.76
N VAL A 144 1.24 7.82 19.63
CA VAL A 144 0.13 7.89 18.65
C VAL A 144 -0.68 6.60 18.58
N PRO A 145 -1.82 6.55 19.26
CA PRO A 145 -2.64 5.33 19.23
C PRO A 145 -3.44 5.30 17.94
N PHE A 146 -3.60 4.13 17.33
CA PHE A 146 -4.35 4.03 16.08
C PHE A 146 -4.99 2.66 15.88
N CYS A 147 -6.01 2.63 15.03
CA CYS A 147 -6.70 1.40 14.72
C CYS A 147 -6.58 1.13 13.23
N MET A 148 -6.30 -0.13 12.90
CA MET A 148 -6.27 -0.58 11.51
C MET A 148 -7.64 -1.13 11.12
N GLY A 149 -8.23 -0.56 10.08
CA GLY A 149 -9.57 -0.92 9.66
C GLY A 149 -10.61 -0.18 10.51
N PRO A 150 -11.89 -0.31 10.15
CA PRO A 150 -12.98 0.31 10.90
C PRO A 150 -12.95 -0.11 12.38
N LEU A 151 -13.33 0.81 13.25
CA LEU A 151 -13.24 0.60 14.69
CA LEU A 151 -13.23 0.59 14.68
C LEU A 151 -14.14 -0.52 15.20
N GLY A 152 -15.21 -0.82 14.47
CA GLY A 152 -16.16 -1.82 14.90
C GLY A 152 -15.77 -3.29 14.79
N ALA A 153 -14.53 -3.57 14.35
CA ALA A 153 -14.12 -4.94 14.06
C ALA A 153 -14.21 -5.90 15.26
N GLU A 154 -14.10 -7.19 14.96
CA GLU A 154 -14.23 -8.25 15.97
C GLU A 154 -12.88 -8.71 16.49
N ASP A 155 -11.92 -8.83 15.59
CA ASP A 155 -10.52 -9.00 15.94
C ASP A 155 -9.81 -7.74 15.47
N PRO A 156 -10.01 -6.62 16.20
CA PRO A 156 -9.53 -5.33 15.68
C PRO A 156 -8.06 -5.09 15.98
N LYS A 157 -7.34 -4.66 14.94
CA LYS A 157 -5.89 -4.57 15.03
C LYS A 157 -5.45 -3.16 15.39
N LEU A 158 -4.93 -3.02 16.60
CA LEU A 158 -4.55 -1.73 17.13
C LEU A 158 -3.04 -1.60 17.10
N GLY A 159 -2.57 -0.37 17.11
CA GLY A 159 -1.14 -0.13 17.26
C GLY A 159 -0.92 1.18 18.00
N VAL A 160 0.31 1.37 18.48
CA VAL A 160 0.72 2.68 18.98
C VAL A 160 2.07 3.00 18.35
N GLU A 161 2.16 4.13 17.68
CA GLU A 161 3.44 4.57 17.16
C GLU A 161 4.02 5.66 18.06
N ILE A 162 5.21 5.40 18.60
CA ILE A 162 5.96 6.44 19.29
C ILE A 162 6.83 7.08 18.24
N THR A 163 6.80 8.41 18.11
CA THR A 163 7.64 9.09 17.12
C THR A 163 8.12 10.44 17.63
N ASP A 164 9.24 10.92 17.11
CA ASP A 164 9.67 12.27 17.44
C ASP A 164 9.43 13.20 16.25
N SER A 165 8.59 12.75 15.32
CA SER A 165 8.29 13.54 14.11
C SER A 165 6.84 14.03 14.09
N GLU A 166 6.66 15.34 14.18
CA GLU A 166 5.33 15.93 14.12
C GLU A 166 4.70 15.71 12.74
N TYR A 167 5.52 15.72 11.70
CA TYR A 167 5.05 15.41 10.35
C TYR A 167 4.41 14.01 10.30
N VAL A 168 5.07 13.04 10.94
CA VAL A 168 4.52 11.69 11.08
C VAL A 168 3.16 11.68 11.78
N VAL A 169 3.03 12.41 12.87
CA VAL A 169 1.76 12.43 13.59
C VAL A 169 0.62 12.91 12.70
N VAL A 170 0.83 14.05 12.04
CA VAL A 170 -0.19 14.63 11.17
C VAL A 170 -0.58 13.68 10.03
N SER A 171 0.40 13.03 9.42
CA SER A 171 0.08 12.11 8.33
CA SER A 171 0.08 12.12 8.32
C SER A 171 -0.56 10.82 8.82
N MET A 172 -0.17 10.37 10.02
CA MET A 172 -0.80 9.21 10.64
C MET A 172 -2.27 9.48 10.97
N ARG A 173 -2.61 10.75 11.26
CA ARG A 173 -4.00 11.09 11.50
C ARG A 173 -4.87 10.87 10.27
N THR A 174 -4.28 11.09 9.09
CA THR A 174 -4.99 10.89 7.83
C THR A 174 -4.96 9.42 7.42
N MET A 175 -3.82 8.76 7.62
CA MET A 175 -3.66 7.40 7.10
C MET A 175 -4.26 6.30 7.95
N THR A 176 -4.57 6.61 9.21
CA THR A 176 -5.13 5.63 10.12
C THR A 176 -6.23 6.28 10.93
N ARG A 177 -7.01 5.46 11.63
CA ARG A 177 -7.97 6.00 12.58
C ARG A 177 -7.24 6.23 13.88
N MET A 178 -6.87 7.50 14.09
CA MET A 178 -5.89 7.86 15.11
C MET A 178 -6.51 8.55 16.32
N GLY A 179 -5.97 8.22 17.49
CA GLY A 179 -6.27 8.98 18.69
C GLY A 179 -7.18 8.30 19.69
N LYS A 180 -8.11 9.09 20.20
CA LYS A 180 -8.97 8.73 21.32
C LYS A 180 -9.72 7.41 21.17
N ALA A 181 -10.39 7.23 20.02
CA ALA A 181 -11.20 6.02 19.83
C ALA A 181 -10.34 4.76 19.89
N ALA A 182 -9.17 4.80 19.27
CA ALA A 182 -8.27 3.66 19.30
C ALA A 182 -7.77 3.38 20.71
N LEU A 183 -7.38 4.44 21.42
CA LEU A 183 -6.87 4.30 22.78
C LEU A 183 -7.90 3.65 23.68
N GLU A 184 -9.15 4.08 23.55
CA GLU A 184 -10.23 3.48 24.34
C GLU A 184 -10.43 2.00 24.00
N LYS A 185 -10.24 1.64 22.73
CA LYS A 185 -10.41 0.27 22.28
C LYS A 185 -9.36 -0.66 22.90
N MET A 186 -8.21 -0.10 23.26
CA MET A 186 -7.13 -0.88 23.87
CA MET A 186 -7.13 -0.87 23.88
C MET A 186 -7.49 -1.28 25.29
N GLY A 187 -8.46 -0.58 25.88
CA GLY A 187 -8.91 -0.87 27.22
C GLY A 187 -7.74 -0.80 28.20
N ASP A 188 -7.72 -1.72 29.16
CA ASP A 188 -6.68 -1.69 30.19
C ASP A 188 -5.52 -2.65 29.92
N ASP A 189 -5.74 -3.65 29.07
CA ASP A 189 -4.67 -4.61 28.80
C ASP A 189 -4.74 -5.23 27.40
N GLY A 190 -5.42 -4.56 26.49
CA GLY A 190 -5.52 -5.04 25.11
C GLY A 190 -4.19 -5.12 24.40
N PHE A 191 -4.08 -6.03 23.45
CA PHE A 191 -2.87 -6.16 22.67
C PHE A 191 -2.79 -5.06 21.63
N PHE A 192 -1.59 -4.57 21.37
CA PHE A 192 -1.37 -3.62 20.28
C PHE A 192 0.05 -3.78 19.72
N VAL A 193 0.21 -3.46 18.43
CA VAL A 193 1.53 -3.45 17.83
C VAL A 193 2.35 -2.27 18.33
N LYS A 194 3.52 -2.56 18.87
CA LYS A 194 4.45 -1.54 19.33
C LYS A 194 5.31 -1.07 18.16
N ALA A 195 5.12 0.19 17.79
CA ALA A 195 5.81 0.76 16.63
C ALA A 195 6.63 1.93 17.12
N LEU A 196 7.95 1.79 17.04
CA LEU A 196 8.85 2.84 17.52
C LEU A 196 9.54 3.52 16.36
N HIS A 197 9.55 4.86 16.37
CA HIS A 197 10.20 5.62 15.32
C HIS A 197 10.97 6.83 15.85
N SER A 198 12.16 7.06 15.29
CA SER A 198 12.86 8.32 15.49
C SER A 198 13.53 8.76 14.20
N VAL A 199 13.55 10.05 13.95
CA VAL A 199 14.26 10.59 12.80
C VAL A 199 15.78 10.59 13.02
N GLY A 200 16.21 10.31 14.25
CA GLY A 200 17.65 10.22 14.54
C GLY A 200 18.43 11.51 14.41
N ALA A 201 17.84 12.59 14.90
CA ALA A 201 18.46 13.91 14.81
C ALA A 201 18.29 14.68 16.12
N PRO A 202 18.91 14.20 17.20
CA PRO A 202 18.80 14.88 18.49
C PRO A 202 19.26 16.33 18.42
N LEU A 203 18.69 17.17 19.28
CA LEU A 203 19.00 18.59 19.31
C LEU A 203 19.60 19.00 20.64
N GLU A 204 20.55 19.95 20.59
CA GLU A 204 21.05 20.57 21.80
C GLU A 204 20.08 21.67 22.23
N PRO A 205 20.09 22.05 23.52
CA PRO A 205 19.20 23.14 23.91
C PRO A 205 19.49 24.43 23.15
N GLY A 206 18.43 25.05 22.62
CA GLY A 206 18.56 26.28 21.87
C GLY A 206 19.12 26.13 20.46
N GLN A 207 19.31 24.90 20.02
CA GLN A 207 19.80 24.68 18.67
C GLN A 207 18.67 24.84 17.68
N LYS A 208 18.94 25.54 16.58
CA LYS A 208 17.96 25.70 15.52
C LYS A 208 17.80 24.37 14.76
N ASP A 209 16.55 23.94 14.59
CA ASP A 209 16.25 22.69 13.91
C ASP A 209 16.18 22.97 12.41
N VAL A 210 16.13 21.91 11.62
CA VAL A 210 15.85 22.05 10.18
C VAL A 210 14.41 21.64 9.87
N ALA A 211 13.93 21.99 8.68
CA ALA A 211 12.57 21.64 8.30
C ALA A 211 12.34 20.13 8.29
N TRP A 212 13.29 19.38 7.76
CA TRP A 212 13.12 17.93 7.65
C TRP A 212 14.29 17.19 8.26
N PRO A 213 14.21 16.92 9.57
CA PRO A 213 15.30 16.18 10.21
C PRO A 213 15.32 14.71 9.78
N CYS A 214 16.53 14.16 9.68
CA CYS A 214 16.71 12.76 9.32
C CYS A 214 18.17 12.39 9.56
N SER A 215 18.51 11.15 9.26
CA SER A 215 19.87 10.67 9.48
C SER A 215 20.38 9.93 8.25
N GLU A 216 21.71 9.84 8.12
CA GLU A 216 22.32 9.00 7.10
C GLU A 216 22.20 7.53 7.47
N THR A 217 22.02 7.28 8.76
CA THR A 217 21.89 5.91 9.26
C THR A 217 20.42 5.52 9.38
N LYS A 218 20.00 4.50 8.61
CA LYS A 218 18.60 4.10 8.55
C LYS A 218 18.38 2.62 8.80
N TYR A 219 17.36 2.31 9.61
CA TYR A 219 16.88 0.94 9.78
C TYR A 219 15.35 0.94 9.80
N ILE A 220 14.74 0.00 9.11
CA ILE A 220 13.30 -0.23 9.23
C ILE A 220 13.10 -1.71 9.53
N THR A 221 12.96 -2.00 10.82
CA THR A 221 13.11 -3.34 11.34
C THR A 221 11.79 -3.90 11.86
N HIS A 222 11.55 -5.19 11.59
CA HIS A 222 10.31 -5.84 11.98
C HIS A 222 10.64 -7.09 12.79
N PHE A 223 9.96 -7.24 13.93
CA PHE A 223 10.09 -8.44 14.75
C PHE A 223 8.76 -9.18 14.68
N PRO A 224 8.66 -10.18 13.79
CA PRO A 224 7.34 -10.73 13.45
C PRO A 224 6.65 -11.47 14.60
N GLU A 225 7.42 -12.16 15.43
CA GLU A 225 6.83 -12.94 16.51
C GLU A 225 6.16 -12.04 17.54
N THR A 226 6.83 -10.95 17.89
CA THR A 226 6.33 -10.06 18.93
C THR A 226 5.46 -8.94 18.36
N ARG A 227 5.36 -8.91 17.03
CA ARG A 227 4.61 -7.87 16.32
C ARG A 227 5.12 -6.48 16.69
N GLU A 228 6.43 -6.27 16.58
CA GLU A 228 7.02 -4.96 16.86
C GLU A 228 7.70 -4.42 15.61
N ILE A 229 7.70 -3.10 15.48
CA ILE A 229 8.38 -2.42 14.39
C ILE A 229 9.28 -1.36 14.99
N TRP A 230 10.55 -1.35 14.57
CA TRP A 230 11.49 -0.32 15.02
C TRP A 230 12.03 0.41 13.81
N SER A 231 11.73 1.70 13.69
CA SER A 231 12.25 2.51 12.58
C SER A 231 13.19 3.62 13.08
N TYR A 232 14.32 3.80 12.40
CA TYR A 232 15.26 4.85 12.74
C TYR A 232 15.82 5.53 11.49
N GLY A 233 15.80 6.86 11.47
CA GLY A 233 16.63 7.61 10.53
C GLY A 233 15.92 8.28 9.37
N SER A 234 14.76 7.77 8.98
CA SER A 234 13.98 8.37 7.90
C SER A 234 12.69 8.96 8.43
N GLY A 235 12.27 10.09 7.86
CA GLY A 235 10.98 10.67 8.19
C GLY A 235 9.96 10.47 7.07
N TYR A 236 10.32 9.67 6.07
CA TYR A 236 9.56 9.60 4.82
C TYR A 236 8.63 8.40 4.70
N GLY A 237 7.38 8.66 4.32
CA GLY A 237 6.45 7.64 3.84
C GLY A 237 6.45 6.32 4.57
N GLY A 238 6.64 5.24 3.84
CA GLY A 238 6.56 3.90 4.42
C GLY A 238 7.66 3.59 5.43
N ASN A 239 8.71 4.40 5.47
CA ASN A 239 9.72 4.19 6.50
C ASN A 239 9.24 4.65 7.87
N ALA A 240 8.38 5.67 7.88
CA ALA A 240 8.07 6.40 9.11
C ALA A 240 6.60 6.36 9.49
N LEU A 241 5.72 6.18 8.50
CA LEU A 241 4.29 6.09 8.78
C LEU A 241 4.04 4.60 8.94
N LEU A 242 4.07 4.15 10.20
CA LEU A 242 4.23 2.72 10.45
C LEU A 242 2.92 1.95 10.38
N GLY A 243 1.83 2.68 10.22
CA GLY A 243 0.52 2.09 9.93
C GLY A 243 0.33 1.83 8.44
N LYS A 244 1.31 2.21 7.64
CA LYS A 244 1.35 1.80 6.24
C LYS A 244 1.99 0.42 6.19
N LYS A 245 2.81 0.13 5.19
CA LYS A 245 3.11 -1.26 4.91
C LYS A 245 3.87 -2.04 6.00
N CYS A 246 4.58 -1.34 6.88
CA CYS A 246 5.23 -2.04 7.99
C CYS A 246 4.23 -2.86 8.81
N TYR A 247 3.10 -2.24 9.15
CA TYR A 247 2.04 -2.96 9.84
C TYR A 247 1.12 -3.64 8.82
N SER A 248 0.59 -2.85 7.88
CA SER A 248 -0.47 -3.35 6.99
CA SER A 248 -0.42 -3.29 6.90
C SER A 248 -0.09 -4.59 6.19
N LEU A 249 1.18 -4.74 5.83
CA LEU A 249 1.62 -5.91 5.08
C LEU A 249 2.62 -6.78 5.82
N ARG A 250 3.68 -6.19 6.38
CA ARG A 250 4.74 -7.04 6.93
C ARG A 250 4.35 -7.73 8.23
N ILE A 251 4.01 -6.95 9.25
CA ILE A 251 3.53 -7.54 10.49
C ILE A 251 2.20 -8.25 10.28
N ALA A 252 1.29 -7.63 9.53
CA ALA A 252 -0.03 -8.23 9.34
C ALA A 252 0.04 -9.55 8.59
N SER A 253 0.96 -9.70 7.63
CA SER A 253 1.03 -10.99 6.93
C SER A 253 1.45 -12.10 7.89
N ALA A 254 2.29 -11.77 8.87
CA ALA A 254 2.69 -12.76 9.86
C ALA A 254 1.53 -13.12 10.76
N MET A 255 0.78 -12.11 11.18
CA MET A 255 -0.44 -12.32 11.96
C MET A 255 -1.42 -13.21 11.19
N ALA A 256 -1.67 -12.86 9.93
CA ALA A 256 -2.58 -13.60 9.05
C ALA A 256 -2.15 -15.06 8.87
N HIS A 257 -0.85 -15.25 8.75
CA HIS A 257 -0.26 -16.59 8.66
C HIS A 257 -0.66 -17.43 9.88
N ASP A 258 -0.54 -16.84 11.06
CA ASP A 258 -0.81 -17.56 12.31
C ASP A 258 -2.29 -17.68 12.61
N GLU A 259 -3.09 -16.75 12.09
CA GLU A 259 -4.49 -16.61 12.48
C GLU A 259 -5.52 -17.03 11.42
N GLY A 260 -5.06 -17.46 10.25
CA GLY A 260 -5.95 -18.03 9.27
C GLY A 260 -6.61 -17.07 8.30
N TRP A 261 -5.97 -15.94 8.04
CA TRP A 261 -6.53 -14.95 7.12
C TRP A 261 -5.43 -14.43 6.17
N LEU A 262 -5.74 -13.39 5.41
CA LEU A 262 -4.81 -12.89 4.39
C LEU A 262 -4.62 -11.39 4.47
N ALA A 263 -3.37 -10.94 4.55
CA ALA A 263 -3.06 -9.52 4.49
C ALA A 263 -2.30 -9.26 3.20
N GLU A 264 -2.95 -8.52 2.28
CA GLU A 264 -2.48 -8.51 0.90
C GLU A 264 -2.36 -7.11 0.32
N HIS A 265 -1.52 -7.01 -0.71
CA HIS A 265 -1.22 -5.77 -1.41
C HIS A 265 -2.20 -5.64 -2.60
N MET A 266 -3.44 -5.29 -2.29
CA MET A 266 -4.53 -5.31 -3.27
C MET A 266 -5.43 -4.10 -3.16
N LEU A 267 -5.83 -3.55 -4.30
CA LEU A 267 -6.91 -2.59 -4.33
C LEU A 267 -8.21 -3.33 -4.11
N ILE A 268 -9.23 -2.60 -3.69
CA ILE A 268 -10.57 -3.19 -3.53
C ILE A 268 -11.56 -2.40 -4.40
N LEU A 269 -12.17 -3.07 -5.37
CA LEU A 269 -13.06 -2.43 -6.34
C LEU A 269 -14.48 -2.97 -6.25
N LYS A 270 -15.46 -2.08 -6.28
CA LYS A 270 -16.87 -2.45 -6.35
C LYS A 270 -17.36 -2.17 -7.76
N LEU A 271 -17.87 -3.21 -8.42
CA LEU A 271 -18.40 -3.08 -9.77
C LEU A 271 -19.90 -3.38 -9.72
N ILE A 272 -20.69 -2.49 -10.30
CA ILE A 272 -22.14 -2.67 -10.31
C ILE A 272 -22.63 -2.84 -11.76
N SER A 273 -23.38 -3.91 -11.99
CA SER A 273 -23.82 -4.28 -13.35
C SER A 273 -25.16 -3.61 -13.68
N PRO A 274 -25.59 -3.72 -14.96
CA PRO A 274 -26.90 -3.17 -15.35
C PRO A 274 -28.06 -3.84 -14.62
N GLU A 275 -27.82 -5.00 -14.04
CA GLU A 275 -28.79 -5.67 -13.17
C GLU A 275 -28.92 -4.93 -11.85
N ASN A 276 -27.95 -4.03 -11.58
CA ASN A 276 -27.85 -3.31 -10.31
C ASN A 276 -27.35 -4.21 -9.18
N LYS A 277 -26.58 -5.21 -9.55
CA LYS A 277 -25.97 -6.13 -8.59
C LYS A 277 -24.51 -5.73 -8.41
N ALA A 278 -24.02 -5.76 -7.17
CA ALA A 278 -22.64 -5.38 -6.89
C ALA A 278 -21.71 -6.59 -6.82
N TYR A 279 -20.48 -6.40 -7.32
CA TYR A 279 -19.45 -7.41 -7.24
C TYR A 279 -18.19 -6.77 -6.69
N TYR A 280 -17.51 -7.43 -5.77
CA TYR A 280 -16.29 -6.88 -5.21
C TYR A 280 -15.07 -7.68 -5.64
N PHE A 281 -14.03 -6.96 -6.03
CA PHE A 281 -12.81 -7.59 -6.51
C PHE A 281 -11.62 -7.06 -5.76
N ALA A 282 -10.67 -7.95 -5.49
CA ALA A 282 -9.40 -7.54 -4.90
C ALA A 282 -8.33 -7.82 -5.94
N ALA A 283 -7.44 -6.85 -6.16
CA ALA A 283 -6.51 -6.93 -7.30
C ALA A 283 -5.11 -6.51 -6.90
N ALA A 284 -4.14 -7.39 -7.15
CA ALA A 284 -2.73 -7.15 -6.82
C ALA A 284 -1.89 -6.86 -8.06
N PHE A 285 -1.28 -5.68 -8.08
CA PHE A 285 -0.33 -5.29 -9.14
C PHE A 285 0.94 -4.76 -8.51
N PRO A 286 2.09 -4.99 -9.17
CA PRO A 286 3.31 -4.29 -8.79
C PRO A 286 3.19 -2.82 -9.14
N SER A 287 4.25 -2.06 -8.83
CA SER A 287 4.29 -0.67 -9.25
C SER A 287 4.36 -0.54 -10.77
N ALA A 288 4.06 0.66 -11.26
CA ALA A 288 4.15 0.98 -12.69
C ALA A 288 3.19 0.16 -13.54
N CYS A 289 2.02 -0.18 -12.98
CA CYS A 289 0.99 -0.90 -13.71
C CYS A 289 -0.36 -0.17 -13.69
N GLY A 290 -0.35 1.08 -13.25
CA GLY A 290 -1.54 1.91 -13.23
C GLY A 290 -2.64 1.40 -12.32
N LYS A 291 -2.27 0.83 -11.17
CA LYS A 291 -3.29 0.22 -10.31
C LYS A 291 -4.26 1.25 -9.74
N THR A 292 -3.79 2.48 -9.54
CA THR A 292 -4.65 3.51 -8.98
C THR A 292 -5.73 3.90 -10.00
N ASN A 293 -5.36 3.92 -11.28
CA ASN A 293 -6.33 4.17 -12.34
C ASN A 293 -7.45 3.15 -12.28
N LEU A 294 -7.07 1.88 -12.08
CA LEU A 294 -8.05 0.79 -12.01
C LEU A 294 -8.88 0.87 -10.74
N ALA A 295 -8.26 1.22 -9.63
CA ALA A 295 -9.01 1.33 -8.38
C ALA A 295 -10.13 2.37 -8.49
N MET A 296 -9.95 3.37 -9.34
CA MET A 296 -10.92 4.45 -9.47
C MET A 296 -11.55 4.46 -10.86
N LEU A 297 -11.65 3.26 -11.43
CA LEU A 297 -12.25 3.01 -12.74
C LEU A 297 -13.55 3.77 -13.01
N GLN A 298 -13.65 4.35 -14.20
CA GLN A 298 -14.90 4.89 -14.73
C GLN A 298 -15.27 4.06 -15.95
N PRO A 299 -16.18 3.10 -15.77
CA PRO A 299 -16.60 2.23 -16.89
C PRO A 299 -17.10 3.01 -18.10
N THR A 300 -16.89 2.43 -19.27
CA THR A 300 -17.18 3.09 -20.54
C THR A 300 -18.38 2.46 -21.25
N ILE A 301 -18.97 1.46 -20.60
CA ILE A 301 -20.12 0.76 -21.17
C ILE A 301 -21.38 1.05 -20.35
N PRO A 302 -22.50 1.32 -21.04
CA PRO A 302 -23.72 1.75 -20.36
C PRO A 302 -24.22 0.74 -19.33
N GLY A 303 -24.62 1.25 -18.16
CA GLY A 303 -25.23 0.41 -17.15
C GLY A 303 -24.25 -0.13 -16.13
N TRP A 304 -22.96 0.04 -16.39
CA TRP A 304 -21.91 -0.40 -15.47
C TRP A 304 -21.34 0.80 -14.72
N ARG A 305 -21.23 0.64 -13.40
CA ARG A 305 -20.68 1.68 -12.53
C ARG A 305 -19.60 1.07 -11.64
N ALA A 306 -18.70 1.91 -11.13
CA ALA A 306 -17.66 1.41 -10.26
C ALA A 306 -17.45 2.34 -9.07
N GLU A 307 -17.12 1.76 -7.93
CA GLU A 307 -16.82 2.51 -6.72
C GLU A 307 -15.58 1.91 -6.06
N THR A 308 -14.87 2.70 -5.26
N THR A 308 -14.90 2.69 -5.22
CA THR A 308 -13.63 2.19 -4.69
CA THR A 308 -13.64 2.26 -4.65
C THR A 308 -13.72 1.97 -3.19
C THR A 308 -13.73 1.99 -3.16
N LEU A 309 -13.02 0.96 -2.69
CA LEU A 309 -12.87 0.74 -1.27
C LEU A 309 -11.42 0.87 -0.84
N GLY A 310 -10.52 0.97 -1.82
CA GLY A 310 -9.11 1.10 -1.51
C GLY A 310 -8.19 0.92 -2.71
N ASP A 311 -6.99 1.47 -2.62
CA ASP A 311 -6.01 1.32 -3.68
C ASP A 311 -4.62 0.90 -3.20
N ASP A 312 -4.55 0.13 -2.11
CA ASP A 312 -3.25 -0.36 -1.67
C ASP A 312 -3.32 -1.69 -0.93
N ILE A 313 -4.06 -1.71 0.18
CA ILE A 313 -4.05 -2.86 1.08
C ILE A 313 -5.43 -3.46 1.27
N ALA A 314 -5.49 -4.77 1.25
CA ALA A 314 -6.73 -5.48 1.55
C ALA A 314 -6.47 -6.56 2.59
N TRP A 315 -7.31 -6.62 3.60
CA TRP A 315 -7.22 -7.68 4.58
C TRP A 315 -8.43 -8.58 4.39
N MET A 316 -8.20 -9.86 4.12
CA MET A 316 -9.30 -10.75 3.81
C MET A 316 -9.45 -11.84 4.85
N ARG A 317 -10.68 -12.04 5.33
CA ARG A 317 -10.98 -13.05 6.35
C ARG A 317 -12.23 -13.81 5.94
N PHE A 318 -12.30 -15.10 6.25
CA PHE A 318 -13.54 -15.83 5.97
C PHE A 318 -14.63 -15.36 6.92
N GLY A 319 -15.85 -15.22 6.38
CA GLY A 319 -17.01 -14.89 7.20
C GLY A 319 -17.77 -16.15 7.55
N LYS A 320 -18.81 -16.01 8.36
CA LYS A 320 -19.60 -17.17 8.79
C LYS A 320 -20.21 -17.93 7.62
N ASP A 321 -20.46 -17.23 6.53
CA ASP A 321 -21.08 -17.85 5.35
C ASP A 321 -20.06 -18.52 4.41
N GLY A 322 -18.79 -18.48 4.78
CA GLY A 322 -17.78 -19.20 4.03
C GLY A 322 -17.11 -18.41 2.92
N ARG A 323 -17.58 -17.18 2.68
CA ARG A 323 -16.98 -16.31 1.68
C ARG A 323 -15.82 -15.53 2.28
N LEU A 324 -14.90 -15.08 1.42
CA LEU A 324 -13.78 -14.23 1.83
CA LEU A 324 -13.79 -14.23 1.86
C LEU A 324 -14.22 -12.77 1.84
N TYR A 325 -14.08 -12.09 2.98
CA TYR A 325 -14.48 -10.68 3.08
C TYR A 325 -13.26 -9.77 3.17
N ALA A 326 -13.25 -8.71 2.39
CA ALA A 326 -12.12 -7.77 2.40
C ALA A 326 -12.44 -6.45 3.13
N VAL A 327 -11.46 -6.00 3.92
CA VAL A 327 -11.51 -4.71 4.59
CA VAL A 327 -11.53 -4.67 4.54
C VAL A 327 -10.24 -3.94 4.24
N ASN A 328 -10.36 -2.62 4.05
CA ASN A 328 -9.19 -1.77 3.89
C ASN A 328 -8.72 -1.30 5.27
N PRO A 329 -7.48 -1.63 5.66
CA PRO A 329 -7.05 -1.23 7.01
C PRO A 329 -6.70 0.25 7.10
N GLU A 330 -6.53 0.89 5.95
CA GLU A 330 -6.09 2.28 5.92
C GLU A 330 -7.27 3.24 5.94
N PHE A 331 -6.97 4.51 6.22
CA PHE A 331 -8.01 5.53 6.37
C PHE A 331 -7.78 6.67 5.39
N GLY A 332 -6.65 6.64 4.69
CA GLY A 332 -6.29 7.70 3.77
C GLY A 332 -5.55 7.16 2.57
N PHE A 333 -5.39 8.00 1.55
CA PHE A 333 -4.62 7.67 0.36
C PHE A 333 -3.24 8.28 0.50
N PHE A 334 -2.20 7.54 0.11
CA PHE A 334 -0.83 8.06 0.09
C PHE A 334 -0.28 7.79 -1.30
N GLY A 335 -0.66 8.64 -2.25
CA GLY A 335 -0.47 8.34 -3.66
C GLY A 335 0.73 9.03 -4.26
N VAL A 336 1.34 8.40 -5.25
CA VAL A 336 2.41 9.02 -6.01
C VAL A 336 1.78 10.13 -6.85
N ALA A 337 2.24 11.35 -6.67
CA ALA A 337 1.63 12.48 -7.35
C ALA A 337 1.91 12.51 -8.86
N PRO A 338 3.20 12.48 -9.26
CA PRO A 338 3.45 12.58 -10.70
C PRO A 338 2.70 11.53 -11.50
N GLY A 339 2.12 11.97 -12.62
CA GLY A 339 1.30 11.09 -13.45
C GLY A 339 -0.18 11.22 -13.18
N THR A 340 -0.54 11.77 -12.02
CA THR A 340 -1.94 11.96 -11.66
C THR A 340 -2.42 13.21 -12.37
N ASN A 341 -3.51 13.12 -13.12
CA ASN A 341 -4.01 14.30 -13.82
C ASN A 341 -5.51 14.19 -14.10
N TRP A 342 -6.08 15.26 -14.66
CA TRP A 342 -7.51 15.33 -14.87
C TRP A 342 -7.97 14.41 -16.00
N LYS A 343 -7.11 14.24 -17.00
CA LYS A 343 -7.54 13.43 -18.16
C LYS A 343 -7.60 11.93 -17.91
N SER A 344 -6.69 11.41 -17.09
CA SER A 344 -6.68 9.96 -16.83
C SER A 344 -7.17 9.52 -15.43
N ASN A 345 -7.15 10.42 -14.45
CA ASN A 345 -7.72 10.08 -13.13
C ASN A 345 -8.40 11.28 -12.50
N PRO A 346 -9.50 11.72 -13.12
CA PRO A 346 -10.22 12.85 -12.55
C PRO A 346 -10.72 12.55 -11.13
N ASN A 347 -11.00 11.28 -10.81
CA ASN A 347 -11.50 10.98 -9.47
C ASN A 347 -10.45 11.17 -8.38
N ALA A 348 -9.20 10.87 -8.70
CA ALA A 348 -8.12 11.18 -7.77
C ALA A 348 -7.99 12.69 -7.62
N MET A 349 -8.06 13.41 -8.75
CA MET A 349 -7.94 14.87 -8.68
C MET A 349 -9.04 15.52 -7.86
N ARG A 350 -10.26 14.97 -7.96
CA ARG A 350 -11.38 15.50 -7.19
CA ARG A 350 -11.36 15.51 -7.18
C ARG A 350 -11.19 15.22 -5.69
N THR A 351 -10.57 14.07 -5.39
CA THR A 351 -10.33 13.69 -4.00
C THR A 351 -9.36 14.69 -3.39
N ILE A 352 -8.31 15.01 -4.14
CA ILE A 352 -7.30 15.95 -3.70
C ILE A 352 -7.86 17.38 -3.65
N ALA A 353 -8.75 17.69 -4.58
CA ALA A 353 -9.33 19.03 -4.67
C ALA A 353 -10.04 19.46 -3.38
N ALA A 354 -10.56 18.47 -2.64
CA ALA A 354 -11.34 18.76 -1.43
C ALA A 354 -10.43 19.15 -0.26
N GLY A 355 -9.12 19.08 -0.46
CA GLY A 355 -8.19 19.60 0.53
C GLY A 355 -7.86 18.62 1.64
N ASN A 356 -7.60 19.15 2.83
CA ASN A 356 -7.16 18.37 3.97
C ASN A 356 -6.01 17.46 3.59
N THR A 357 -5.13 17.97 2.74
CA THR A 357 -4.09 17.15 2.13
C THR A 357 -2.71 17.62 2.54
N VAL A 358 -1.82 16.68 2.82
CA VAL A 358 -0.41 17.00 2.94
C VAL A 358 0.30 16.53 1.67
N PHE A 359 0.95 17.45 0.96
CA PHE A 359 1.74 17.09 -0.23
C PHE A 359 3.20 17.12 0.14
N THR A 360 3.96 16.15 -0.34
CA THR A 360 5.39 16.10 -0.02
C THR A 360 6.22 16.08 -1.30
N ASN A 361 7.09 17.08 -1.47
CA ASN A 361 8.00 17.18 -2.61
C ASN A 361 7.36 17.40 -3.97
N VAL A 362 6.18 18.01 -3.98
CA VAL A 362 5.63 18.48 -5.25
C VAL A 362 6.06 19.93 -5.46
N ALA A 363 5.72 20.49 -6.62
CA ALA A 363 6.09 21.86 -6.94
C ALA A 363 4.98 22.85 -6.55
N LEU A 364 5.38 24.10 -6.32
CA LEU A 364 4.51 25.17 -5.83
C LEU A 364 4.28 26.18 -6.95
N THR A 365 3.03 26.47 -7.24
CA THR A 365 2.70 27.44 -8.28
C THR A 365 2.71 28.84 -7.69
N ASP A 366 2.74 29.84 -8.56
CA ASP A 366 2.81 31.24 -8.15
C ASP A 366 1.57 31.68 -7.35
N ASP A 367 0.45 30.99 -7.53
CA ASP A 367 -0.76 31.32 -6.76
C ASP A 367 -1.00 30.36 -5.59
N GLY A 368 0.02 29.60 -5.19
CA GLY A 368 -0.08 28.79 -3.99
C GLY A 368 -0.83 27.47 -4.20
N ASP A 369 -0.88 27.04 -5.45
CA ASP A 369 -1.45 25.75 -5.81
C ASP A 369 -0.27 24.81 -5.95
N VAL A 370 -0.51 23.58 -6.36
CA VAL A 370 0.56 22.59 -6.51
C VAL A 370 0.58 22.01 -7.91
N TRP A 371 1.75 21.52 -8.32
CA TRP A 371 1.90 20.91 -9.64
C TRP A 371 2.90 19.78 -9.58
N TRP A 372 2.81 18.87 -10.54
CA TRP A 372 3.77 17.78 -10.69
C TRP A 372 3.74 17.33 -12.12
N GLU A 373 4.82 16.70 -12.57
CA GLU A 373 4.88 16.20 -13.94
C GLU A 373 3.66 15.37 -14.29
N GLY A 374 3.09 15.62 -15.46
CA GLY A 374 1.91 14.88 -15.89
C GLY A 374 0.63 15.67 -15.70
N LEU A 375 0.65 16.62 -14.77
CA LEU A 375 -0.55 17.41 -14.49
C LEU A 375 -0.76 18.48 -15.56
N GLU A 376 -2.02 18.78 -15.84
CA GLU A 376 -2.36 19.82 -16.81
C GLU A 376 -1.95 21.20 -16.30
N GLY A 377 -1.90 22.18 -17.20
CA GLY A 377 -1.70 23.56 -16.80
C GLY A 377 -0.56 24.30 -17.48
N ASP A 378 0.44 23.57 -17.98
CA ASP A 378 1.65 24.16 -18.54
C ASP A 378 2.13 25.40 -17.78
N PRO A 379 2.33 25.27 -16.45
CA PRO A 379 2.73 26.43 -15.65
C PRO A 379 4.07 27.00 -16.13
N GLN A 380 4.15 28.32 -16.28
CA GLN A 380 5.34 28.93 -16.84
C GLN A 380 6.49 29.00 -15.84
N HIS A 381 6.16 29.19 -14.57
CA HIS A 381 7.16 29.22 -13.52
C HIS A 381 6.67 28.39 -12.34
N LEU A 382 7.57 27.66 -11.70
CA LEU A 382 7.26 26.95 -10.46
C LEU A 382 8.40 27.10 -9.50
N ILE A 383 8.13 26.82 -8.23
CA ILE A 383 9.20 26.53 -7.29
C ILE A 383 9.28 25.01 -7.21
N ASP A 384 10.45 24.42 -7.47
CA ASP A 384 10.55 22.96 -7.50
C ASP A 384 10.63 22.35 -6.11
N TRP A 385 10.76 21.03 -6.04
CA TRP A 385 10.75 20.33 -4.76
C TRP A 385 11.99 20.61 -3.89
N LYS A 386 13.01 21.29 -4.45
CA LYS A 386 14.20 21.67 -3.70
CA LYS A 386 14.20 21.68 -3.69
C LYS A 386 14.18 23.17 -3.34
N GLY A 387 13.10 23.85 -3.69
CA GLY A 387 12.95 25.26 -3.37
C GLY A 387 13.52 26.21 -4.40
N ASN A 388 13.79 25.70 -5.60
CA ASN A 388 14.45 26.47 -6.65
C ASN A 388 13.53 26.86 -7.79
N ASP A 389 13.85 27.93 -8.49
CA ASP A 389 13.05 28.35 -9.64
C ASP A 389 13.08 27.30 -10.75
N TRP A 390 11.90 27.06 -11.33
CA TRP A 390 11.74 26.12 -12.43
C TRP A 390 10.97 26.85 -13.52
N TYR A 391 11.37 26.63 -14.78
CA TYR A 391 10.75 27.29 -15.93
C TYR A 391 10.29 26.31 -17.00
N PHE A 392 9.12 26.56 -17.54
CA PHE A 392 8.49 25.69 -18.53
C PHE A 392 9.36 25.54 -19.78
N ARG A 393 9.46 24.32 -20.28
CA ARG A 393 10.18 24.00 -21.51
C ARG A 393 11.57 24.64 -21.49
N GLU A 394 12.24 24.53 -20.35
CA GLU A 394 13.57 25.10 -20.19
C GLU A 394 14.35 24.33 -19.13
N THR A 395 13.87 24.36 -17.90
CA THR A 395 14.55 23.69 -16.80
C THR A 395 14.58 22.19 -17.05
N GLU A 396 15.74 21.58 -16.84
CA GLU A 396 15.96 20.20 -17.26
C GLU A 396 15.80 19.18 -16.15
N THR A 397 15.51 19.65 -14.94
CA THR A 397 15.22 18.80 -13.79
C THR A 397 13.71 18.75 -13.55
N ASN A 398 13.23 17.64 -12.98
N ASN A 398 13.24 17.65 -12.97
CA ASN A 398 11.81 17.54 -12.65
CA ASN A 398 11.83 17.52 -12.60
C ASN A 398 11.40 18.54 -11.58
C ASN A 398 11.43 18.58 -11.58
N ALA A 399 10.24 19.14 -11.76
CA ALA A 399 9.72 20.15 -10.83
C ALA A 399 9.33 19.47 -9.51
N ALA A 400 8.62 18.35 -9.62
CA ALA A 400 8.27 17.55 -8.44
C ALA A 400 9.19 16.33 -8.38
N HIS A 401 9.51 15.87 -7.18
CA HIS A 401 10.31 14.65 -7.10
C HIS A 401 9.50 13.50 -7.73
N PRO A 402 10.17 12.59 -8.43
CA PRO A 402 9.48 11.47 -9.06
C PRO A 402 8.67 10.58 -8.10
N ASN A 403 9.05 10.58 -6.81
CA ASN A 403 8.34 9.78 -5.83
C ASN A 403 7.49 10.65 -4.89
N SER A 404 7.20 11.89 -5.32
CA SER A 404 6.46 12.81 -4.47
C SER A 404 5.02 12.33 -4.24
N ARG A 405 4.39 12.87 -3.20
CA ARG A 405 3.19 12.24 -2.64
C ARG A 405 2.08 13.21 -2.30
N TYR A 406 0.85 12.72 -2.41
CA TYR A 406 -0.28 13.37 -1.74
C TYR A 406 -0.81 12.43 -0.66
N CYS A 407 -1.18 13.00 0.48
CA CYS A 407 -1.72 12.21 1.58
C CYS A 407 -3.06 12.83 1.93
N THR A 408 -4.13 12.10 1.65
CA THR A 408 -5.47 12.67 1.58
C THR A 408 -6.50 11.71 2.19
N PRO A 409 -7.48 12.24 2.92
CA PRO A 409 -8.52 11.38 3.52
C PRO A 409 -9.29 10.57 2.48
N MET A 410 -9.56 9.30 2.76
CA MET A 410 -10.31 8.48 1.81
C MET A 410 -11.75 8.95 1.69
N SER A 411 -12.29 9.49 2.78
CA SER A 411 -13.69 9.89 2.81
C SER A 411 -14.06 10.99 1.81
N GLN A 412 -13.04 11.67 1.26
CA GLN A 412 -13.22 12.69 0.24
C GLN A 412 -13.34 12.17 -1.18
N CYS A 413 -13.13 10.88 -1.38
CA CYS A 413 -13.18 10.35 -2.74
C CYS A 413 -14.62 10.35 -3.23
N PRO A 414 -14.88 10.98 -4.38
CA PRO A 414 -16.28 11.08 -4.82
C PRO A 414 -16.93 9.74 -5.24
N ILE A 415 -16.12 8.73 -5.52
CA ILE A 415 -16.65 7.41 -5.87
C ILE A 415 -16.35 6.37 -4.79
N LEU A 416 -16.20 6.83 -3.56
CA LEU A 416 -16.01 5.94 -2.42
C LEU A 416 -17.27 5.11 -2.20
N ALA A 417 -17.11 3.80 -2.12
CA ALA A 417 -18.24 2.90 -1.90
C ALA A 417 -18.76 3.11 -0.48
N PRO A 418 -20.09 3.04 -0.32
CA PRO A 418 -20.66 3.26 1.01
C PRO A 418 -20.21 2.20 2.01
N GLU A 419 -19.73 1.06 1.51
CA GLU A 419 -19.31 -0.04 2.37
C GLU A 419 -17.91 0.16 2.96
N TRP A 420 -17.25 1.25 2.60
CA TRP A 420 -15.84 1.48 2.94
C TRP A 420 -15.52 1.43 4.44
N ASP A 421 -16.50 1.71 5.28
CA ASP A 421 -16.23 1.80 6.71
C ASP A 421 -16.99 0.71 7.48
N ASP A 422 -17.46 -0.29 6.76
CA ASP A 422 -18.15 -1.42 7.38
C ASP A 422 -17.11 -2.37 7.98
N PRO A 423 -17.18 -2.64 9.29
CA PRO A 423 -16.13 -3.47 9.90
C PRO A 423 -16.07 -4.93 9.44
N GLN A 424 -17.15 -5.47 8.87
CA GLN A 424 -17.17 -6.85 8.37
C GLN A 424 -16.63 -6.93 6.94
N GLY A 425 -16.56 -5.78 6.27
CA GLY A 425 -16.02 -5.74 4.92
C GLY A 425 -16.97 -6.23 3.86
N VAL A 426 -16.41 -6.54 2.69
CA VAL A 426 -17.21 -6.89 1.52
C VAL A 426 -16.80 -8.24 0.96
N PRO A 427 -17.79 -9.01 0.49
CA PRO A 427 -17.51 -10.37 0.01
C PRO A 427 -16.82 -10.33 -1.35
N ILE A 428 -15.68 -11.01 -1.46
CA ILE A 428 -14.89 -10.95 -2.68
C ILE A 428 -15.31 -12.03 -3.68
N SER A 429 -15.67 -11.61 -4.89
CA SER A 429 -16.05 -12.54 -5.95
C SER A 429 -14.87 -12.97 -6.81
N GLY A 430 -13.89 -12.09 -6.94
CA GLY A 430 -12.74 -12.37 -7.80
C GLY A 430 -11.49 -11.75 -7.22
N ILE A 431 -10.39 -12.49 -7.30
CA ILE A 431 -9.07 -11.96 -6.97
C ILE A 431 -8.32 -11.86 -8.28
N LEU A 432 -7.80 -10.66 -8.57
CA LEU A 432 -7.04 -10.44 -9.78
C LEU A 432 -5.56 -10.25 -9.49
N PHE A 433 -4.73 -10.80 -10.37
CA PHE A 433 -3.28 -10.54 -10.34
C PHE A 433 -2.92 -9.91 -11.66
N GLY A 434 -1.98 -8.98 -11.65
CA GLY A 434 -1.62 -8.31 -12.88
C GLY A 434 -0.17 -7.89 -12.92
N GLY A 435 0.34 -7.67 -14.13
CA GLY A 435 1.69 -7.18 -14.32
C GLY A 435 1.77 -6.53 -15.69
N ARG A 436 2.95 -6.00 -16.03
CA ARG A 436 3.16 -5.42 -17.35
C ARG A 436 4.02 -6.39 -18.17
N ARG A 437 3.46 -6.88 -19.27
CA ARG A 437 4.18 -7.79 -20.16
C ARG A 437 3.97 -7.37 -21.62
N LYS A 438 5.07 -7.06 -22.31
CA LYS A 438 4.99 -6.73 -23.73
C LYS A 438 4.48 -7.92 -24.54
N THR A 439 4.80 -9.13 -24.07
CA THR A 439 4.47 -10.36 -24.81
C THR A 439 3.92 -11.45 -23.92
N THR A 440 3.45 -12.53 -24.55
CA THR A 440 3.23 -13.84 -23.92
C THR A 440 1.93 -13.97 -23.12
N VAL A 441 1.74 -13.06 -22.18
CA VAL A 441 0.61 -13.11 -21.25
C VAL A 441 -0.60 -12.36 -21.80
N PRO A 442 -1.74 -13.06 -21.95
CA PRO A 442 -2.92 -12.43 -22.54
C PRO A 442 -3.57 -11.37 -21.67
N LEU A 443 -4.40 -10.57 -22.32
CA LEU A 443 -5.17 -9.50 -21.69
C LEU A 443 -5.90 -9.96 -20.41
N VAL A 444 -6.53 -11.12 -20.47
CA VAL A 444 -7.14 -11.70 -19.27
C VAL A 444 -7.19 -13.23 -19.39
N THR A 445 -6.99 -13.90 -18.25
CA THR A 445 -7.04 -15.36 -18.12
C THR A 445 -7.74 -15.69 -16.80
N GLU A 446 -8.60 -16.71 -16.79
CA GLU A 446 -9.15 -17.22 -15.54
C GLU A 446 -8.46 -18.53 -15.16
N ALA A 447 -8.10 -18.66 -13.89
CA ALA A 447 -7.53 -19.88 -13.36
C ALA A 447 -8.50 -21.05 -13.47
N ARG A 448 -7.95 -22.26 -13.48
CA ARG A 448 -8.74 -23.48 -13.60
C ARG A 448 -9.38 -23.85 -12.27
N ASP A 449 -8.77 -23.40 -11.17
CA ASP A 449 -9.25 -23.69 -9.81
C ASP A 449 -8.39 -22.92 -8.82
N TRP A 450 -8.67 -23.05 -7.52
CA TRP A 450 -7.93 -22.28 -6.53
C TRP A 450 -6.42 -22.51 -6.52
N GLN A 451 -5.99 -23.77 -6.53
CA GLN A 451 -4.56 -24.07 -6.50
C GLN A 451 -3.84 -23.55 -7.73
N HIS A 452 -4.50 -23.62 -8.88
CA HIS A 452 -3.93 -23.02 -10.09
C HIS A 452 -3.87 -21.51 -9.90
N GLY A 453 -4.89 -20.96 -9.27
CA GLY A 453 -4.91 -19.54 -8.95
C GLY A 453 -3.72 -19.11 -8.09
N VAL A 454 -3.41 -19.92 -7.08
CA VAL A 454 -2.27 -19.63 -6.23
C VAL A 454 -0.98 -19.64 -7.06
N PHE A 455 -0.85 -20.59 -7.98
CA PHE A 455 0.31 -20.65 -8.86
C PHE A 455 0.42 -19.40 -9.74
N ILE A 456 -0.71 -18.97 -10.26
CA ILE A 456 -0.75 -17.76 -11.07
C ILE A 456 -0.29 -16.55 -10.26
N GLY A 457 -0.78 -16.42 -9.03
CA GLY A 457 -0.30 -15.33 -8.19
C GLY A 457 1.17 -15.46 -7.83
N ALA A 458 1.58 -16.69 -7.49
CA ALA A 458 2.94 -16.98 -7.03
C ALA A 458 4.00 -16.72 -8.09
N THR A 459 3.59 -16.83 -9.36
CA THR A 459 4.52 -16.65 -10.46
C THR A 459 4.30 -15.35 -11.22
N LEU A 460 3.54 -14.44 -10.61
CA LEU A 460 3.29 -13.12 -11.21
C LEU A 460 4.57 -12.50 -11.76
N GLY A 461 4.58 -12.28 -13.07
CA GLY A 461 5.73 -11.66 -13.73
C GLY A 461 5.39 -10.26 -14.22
N SER A 462 6.38 -9.38 -14.19
CA SER A 462 6.20 -8.03 -14.69
C SER A 462 7.55 -7.49 -15.22
N GLU A 463 7.46 -6.60 -16.20
CA GLU A 463 8.62 -6.03 -16.87
C GLU A 463 9.65 -5.41 -15.92
N GLN A 464 10.92 -5.70 -16.17
CA GLN A 464 12.03 -5.02 -15.49
C GLN A 464 13.15 -4.78 -16.49
N THR A 465 14.13 -3.97 -16.12
CA THR A 465 15.30 -3.77 -16.98
C THR A 465 16.09 -5.08 -17.11
N ASN A 474 12.97 -8.00 -20.05
CA ASN A 474 13.31 -8.83 -18.90
C ASN A 474 12.13 -8.92 -17.95
N VAL A 475 12.02 -10.03 -17.22
CA VAL A 475 10.83 -10.30 -16.40
C VAL A 475 11.12 -10.56 -14.92
N ARG A 476 10.65 -9.65 -14.09
CA ARG A 476 10.80 -9.77 -12.64
C ARG A 476 9.62 -10.54 -12.07
N ARG A 477 9.87 -11.45 -11.13
CA ARG A 477 8.80 -12.14 -10.42
C ARG A 477 8.45 -11.40 -9.13
N ASP A 478 7.17 -11.10 -8.96
CA ASP A 478 6.70 -10.32 -7.82
C ASP A 478 5.44 -11.01 -7.32
N PRO A 479 5.63 -12.11 -6.55
CA PRO A 479 4.50 -12.97 -6.18
C PRO A 479 3.41 -12.22 -5.42
N MET A 480 2.19 -12.25 -5.95
CA MET A 480 1.04 -11.55 -5.37
C MET A 480 1.34 -10.06 -5.12
N ALA A 481 2.29 -9.52 -5.88
CA ALA A 481 2.76 -8.14 -5.68
C ALA A 481 3.27 -7.88 -4.26
N MET A 482 3.77 -8.92 -3.60
CA MET A 482 4.23 -8.83 -2.20
C MET A 482 5.74 -8.95 -2.02
N LEU A 483 6.50 -8.96 -3.12
CA LEU A 483 7.94 -9.18 -3.04
C LEU A 483 8.68 -8.37 -1.97
N PRO A 484 8.38 -7.06 -1.85
CA PRO A 484 9.12 -6.29 -0.84
C PRO A 484 8.43 -6.23 0.52
N PHE A 485 7.32 -6.94 0.67
CA PHE A 485 6.44 -6.70 1.82
C PHE A 485 6.07 -7.91 2.66
N LEU A 486 6.62 -9.08 2.35
CA LEU A 486 6.29 -10.29 3.13
C LEU A 486 6.95 -10.29 4.51
N GLY A 487 6.17 -10.67 5.52
CA GLY A 487 6.68 -10.71 6.87
C GLY A 487 7.27 -12.05 7.26
N TYR A 488 7.26 -13.00 6.32
CA TYR A 488 7.81 -14.34 6.58
C TYR A 488 8.22 -15.03 5.29
N ASN A 489 8.62 -16.30 5.37
CA ASN A 489 9.18 -17.02 4.23
C ASN A 489 8.20 -17.13 3.06
N VAL A 490 8.66 -16.78 1.86
CA VAL A 490 7.77 -16.74 0.69
C VAL A 490 7.12 -18.10 0.38
N GLY A 491 7.87 -19.18 0.59
CA GLY A 491 7.35 -20.52 0.39
C GLY A 491 6.23 -20.84 1.36
N ASP A 492 6.41 -20.48 2.62
CA ASP A 492 5.40 -20.71 3.65
C ASP A 492 4.16 -19.88 3.34
N TYR A 493 4.37 -18.70 2.75
CA TYR A 493 3.27 -17.84 2.34
C TYR A 493 2.45 -18.50 1.24
N PHE A 494 3.12 -19.09 0.26
CA PHE A 494 2.41 -19.85 -0.76
C PHE A 494 1.63 -21.01 -0.14
N GLN A 495 2.24 -21.71 0.82
CA GLN A 495 1.56 -22.84 1.44
C GLN A 495 0.32 -22.36 2.20
N HIS A 496 0.44 -21.17 2.79
CA HIS A 496 -0.69 -20.58 3.50
C HIS A 496 -1.86 -20.32 2.57
N TRP A 497 -1.59 -19.77 1.39
CA TRP A 497 -2.64 -19.57 0.39
C TRP A 497 -3.28 -20.91 -0.02
N ILE A 498 -2.44 -21.93 -0.22
CA ILE A 498 -2.93 -23.26 -0.58
C ILE A 498 -3.83 -23.82 0.51
N ASN A 499 -3.38 -23.70 1.77
CA ASN A 499 -4.14 -24.19 2.91
C ASN A 499 -5.52 -23.56 3.05
N LEU A 500 -5.60 -22.24 2.92
CA LEU A 500 -6.89 -21.56 3.06
C LEU A 500 -7.88 -22.05 2.01
N GLY A 501 -7.40 -22.32 0.80
CA GLY A 501 -8.26 -22.81 -0.26
C GLY A 501 -8.71 -24.24 -0.01
N LYS A 502 -7.77 -25.08 0.42
CA LYS A 502 -8.02 -26.49 0.72
C LYS A 502 -9.17 -26.66 1.70
N HIS A 503 -9.17 -25.81 2.72
CA HIS A 503 -10.07 -25.98 3.86
C HIS A 503 -11.37 -25.19 3.71
N ALA A 504 -11.48 -24.39 2.65
CA ALA A 504 -12.65 -23.58 2.41
C ALA A 504 -13.73 -24.37 1.67
N ASP A 505 -14.93 -23.80 1.62
CA ASP A 505 -15.98 -24.27 0.74
C ASP A 505 -15.63 -23.77 -0.66
N GLU A 506 -15.35 -24.70 -1.57
CA GLU A 506 -14.82 -24.35 -2.90
C GLU A 506 -15.74 -23.41 -3.66
N SER A 507 -17.04 -23.62 -3.50
CA SER A 507 -18.03 -22.86 -4.27
C SER A 507 -18.09 -21.39 -3.84
N LYS A 508 -17.52 -21.08 -2.69
CA LYS A 508 -17.56 -19.72 -2.15
C LYS A 508 -16.21 -18.97 -2.26
N LEU A 509 -15.15 -19.67 -2.63
CA LEU A 509 -13.86 -19.01 -2.87
C LEU A 509 -13.96 -18.06 -4.06
N PRO A 510 -13.24 -16.92 -3.98
CA PRO A 510 -13.14 -16.04 -5.15
C PRO A 510 -12.54 -16.81 -6.32
N LYS A 511 -13.00 -16.50 -7.54
CA LYS A 511 -12.33 -17.00 -8.74
C LYS A 511 -11.09 -16.14 -8.95
N VAL A 512 -10.04 -16.73 -9.51
CA VAL A 512 -8.76 -16.05 -9.67
C VAL A 512 -8.51 -15.73 -11.15
N PHE A 513 -8.09 -14.49 -11.44
CA PHE A 513 -7.82 -14.08 -12.82
C PHE A 513 -6.47 -13.40 -12.91
N PHE A 514 -5.85 -13.44 -14.08
CA PHE A 514 -4.65 -12.66 -14.34
C PHE A 514 -4.93 -11.69 -15.48
N VAL A 515 -4.56 -10.42 -15.29
CA VAL A 515 -4.78 -9.38 -16.29
C VAL A 515 -3.49 -8.72 -16.74
N ASN A 516 -3.36 -8.53 -18.04
CA ASN A 516 -2.25 -7.80 -18.62
C ASN A 516 -2.80 -6.71 -19.53
N TRP A 517 -2.85 -5.47 -19.04
CA TRP A 517 -3.36 -4.36 -19.85
C TRP A 517 -2.37 -3.88 -20.90
N PHE A 518 -1.17 -4.44 -20.87
CA PHE A 518 -0.01 -3.75 -21.46
C PHE A 518 0.71 -4.50 -22.57
N ARG A 519 0.06 -5.50 -23.14
CA ARG A 519 0.67 -6.28 -24.21
C ARG A 519 0.86 -5.42 -25.46
N ARG A 520 1.96 -5.66 -26.17
CA ARG A 520 2.36 -4.81 -27.28
C ARG A 520 2.49 -5.61 -28.58
N GLY A 521 2.22 -4.95 -29.70
CA GLY A 521 2.48 -5.57 -31.00
C GLY A 521 3.97 -5.46 -31.30
N ASP A 522 4.44 -6.14 -32.34
CA ASP A 522 5.87 -6.11 -32.65
C ASP A 522 6.32 -4.70 -33.03
N ASP A 523 5.38 -3.87 -33.48
CA ASP A 523 5.72 -2.50 -33.86
C ASP A 523 5.65 -1.54 -32.66
N GLY A 524 5.31 -2.08 -31.49
CA GLY A 524 5.30 -1.28 -30.27
C GLY A 524 3.94 -0.67 -29.93
N ARG A 525 2.94 -0.91 -30.76
CA ARG A 525 1.60 -0.41 -30.45
C ARG A 525 1.07 -1.09 -29.20
N PHE A 526 0.22 -0.39 -28.47
CA PHE A 526 -0.54 -1.02 -27.39
C PHE A 526 -1.73 -1.76 -28.00
N LEU A 527 -1.78 -3.07 -27.76
CA LEU A 527 -2.84 -3.91 -28.32
C LEU A 527 -4.20 -3.66 -27.66
N TRP A 528 -4.19 -3.09 -26.46
CA TRP A 528 -5.43 -2.81 -25.73
C TRP A 528 -5.38 -1.36 -25.25
N PRO A 529 -6.46 -0.61 -25.49
CA PRO A 529 -6.52 0.83 -25.18
C PRO A 529 -6.53 1.12 -23.69
N GLY A 530 -6.99 0.18 -22.88
CA GLY A 530 -6.87 0.29 -21.44
C GLY A 530 -7.71 1.38 -20.81
N PHE A 531 -7.26 1.83 -19.64
CA PHE A 531 -7.98 2.80 -18.83
C PHE A 531 -9.44 2.39 -18.61
N GLY A 532 -10.38 3.29 -18.87
CA GLY A 532 -11.79 2.99 -18.65
C GLY A 532 -12.27 1.77 -19.42
N GLU A 533 -11.60 1.49 -20.53
CA GLU A 533 -11.96 0.33 -21.37
C GLU A 533 -11.66 -0.98 -20.66
N ASN A 534 -10.87 -0.92 -19.60
CA ASN A 534 -10.65 -2.12 -18.79
C ASN A 534 -11.96 -2.63 -18.19
N SER A 535 -12.99 -1.78 -18.13
CA SER A 535 -14.31 -2.21 -17.68
C SER A 535 -14.88 -3.33 -18.55
N ARG A 536 -14.48 -3.40 -19.81
CA ARG A 536 -14.94 -4.46 -20.71
C ARG A 536 -14.35 -5.80 -20.30
N VAL A 537 -13.11 -5.81 -19.83
CA VAL A 537 -12.51 -7.02 -19.28
C VAL A 537 -13.17 -7.42 -17.97
N LEU A 538 -13.47 -6.42 -17.14
CA LEU A 538 -14.14 -6.66 -15.86
C LEU A 538 -15.54 -7.22 -16.07
N LYS A 539 -16.19 -6.83 -17.16
CA LYS A 539 -17.51 -7.38 -17.48
C LYS A 539 -17.41 -8.86 -17.82
N TRP A 540 -16.39 -9.25 -18.57
CA TRP A 540 -16.19 -10.66 -18.85
C TRP A 540 -15.98 -11.41 -17.55
N ILE A 541 -15.22 -10.82 -16.62
CA ILE A 541 -14.93 -11.46 -15.35
C ILE A 541 -16.22 -11.66 -14.55
N VAL A 542 -17.05 -10.62 -14.49
CA VAL A 542 -18.36 -10.75 -13.84
C VAL A 542 -19.22 -11.81 -14.51
N ASP A 543 -19.27 -11.83 -15.84
CA ASP A 543 -20.04 -12.85 -16.53
C ASP A 543 -19.51 -14.26 -16.23
N ARG A 544 -18.20 -14.42 -16.11
CA ARG A 544 -17.64 -15.74 -15.80
C ARG A 544 -18.03 -16.18 -14.40
N ILE A 545 -18.02 -15.24 -13.47
CA ILE A 545 -18.46 -15.50 -12.10
C ILE A 545 -19.92 -15.98 -12.08
N GLU A 546 -20.73 -15.43 -12.98
CA GLU A 546 -22.15 -15.78 -13.09
C GLU A 546 -22.43 -16.92 -14.05
N HIS A 547 -21.38 -17.48 -14.64
CA HIS A 547 -21.49 -18.54 -15.65
C HIS A 547 -22.25 -18.12 -16.90
N LYS A 548 -22.17 -16.83 -17.23
CA LYS A 548 -22.86 -16.25 -18.38
C LYS A 548 -21.92 -15.96 -19.56
N ALA A 549 -20.64 -16.33 -19.42
CA ALA A 549 -19.68 -16.14 -20.51
C ALA A 549 -18.84 -17.37 -20.75
N GLY A 550 -18.43 -17.55 -22.01
CA GLY A 550 -17.56 -18.64 -22.38
C GLY A 550 -16.13 -18.16 -22.56
N GLY A 551 -15.29 -19.06 -23.06
CA GLY A 551 -13.91 -18.72 -23.34
C GLY A 551 -13.21 -19.97 -23.83
N ALA A 552 -11.96 -19.81 -24.27
CA ALA A 552 -11.20 -20.95 -24.75
C ALA A 552 -10.45 -21.60 -23.60
N THR A 553 -10.45 -22.94 -23.57
CA THR A 553 -9.58 -23.66 -22.66
C THR A 553 -8.19 -23.72 -23.28
N THR A 554 -7.23 -23.04 -22.66
CA THR A 554 -5.85 -23.00 -23.16
C THR A 554 -4.95 -23.63 -22.12
N PRO A 555 -3.68 -23.91 -22.47
CA PRO A 555 -2.82 -24.50 -21.46
C PRO A 555 -2.62 -23.66 -20.19
N ILE A 556 -2.90 -22.36 -20.25
CA ILE A 556 -2.62 -21.48 -19.11
C ILE A 556 -3.86 -21.11 -18.30
N GLY A 557 -5.02 -21.60 -18.72
CA GLY A 557 -6.29 -21.22 -18.10
C GLY A 557 -7.34 -20.86 -19.15
N THR A 558 -8.47 -20.34 -18.70
CA THR A 558 -9.53 -19.94 -19.63
C THR A 558 -9.30 -18.52 -20.12
N VAL A 559 -9.28 -18.33 -21.44
CA VAL A 559 -8.98 -17.04 -22.04
C VAL A 559 -10.06 -16.71 -23.05
N PRO A 560 -10.67 -15.52 -22.95
CA PRO A 560 -11.76 -15.26 -23.91
C PRO A 560 -11.25 -15.06 -25.34
N ALA A 561 -12.12 -15.31 -26.30
CA ALA A 561 -11.87 -14.92 -27.68
C ALA A 561 -12.44 -13.52 -27.83
N VAL A 562 -12.11 -12.83 -28.92
CA VAL A 562 -12.64 -11.48 -29.14
CA VAL A 562 -12.64 -11.49 -29.16
C VAL A 562 -14.16 -11.48 -29.07
N GLU A 563 -14.80 -12.54 -29.59
CA GLU A 563 -16.27 -12.61 -29.59
C GLU A 563 -16.87 -12.79 -28.19
N ASP A 564 -16.04 -13.13 -27.21
CA ASP A 564 -16.48 -13.26 -25.83
C ASP A 564 -16.48 -11.94 -25.08
N LEU A 565 -15.87 -10.91 -25.65
CA LEU A 565 -15.79 -9.60 -25.00
C LEU A 565 -16.79 -8.61 -25.59
N ASP A 566 -17.26 -7.68 -24.76
CA ASP A 566 -18.14 -6.61 -25.24
C ASP A 566 -17.26 -5.51 -25.81
N LEU A 567 -17.18 -5.44 -27.13
CA LEU A 567 -16.38 -4.40 -27.77
C LEU A 567 -17.26 -3.35 -28.42
N ASP A 568 -18.54 -3.38 -28.09
CA ASP A 568 -19.49 -2.43 -28.67
C ASP A 568 -19.14 -0.99 -28.29
N GLY A 569 -18.96 -0.14 -29.28
CA GLY A 569 -18.69 1.26 -29.03
C GLY A 569 -17.21 1.51 -28.92
N LEU A 570 -16.42 0.44 -28.96
CA LEU A 570 -14.97 0.59 -28.88
C LEU A 570 -14.37 0.62 -30.27
N ASP A 571 -13.79 1.76 -30.63
CA ASP A 571 -13.08 1.87 -31.89
C ASP A 571 -11.71 1.24 -31.75
N VAL A 572 -11.64 -0.05 -32.05
CA VAL A 572 -10.42 -0.81 -31.88
C VAL A 572 -10.32 -1.89 -32.95
N ASP A 573 -9.12 -2.12 -33.45
CA ASP A 573 -8.91 -3.17 -34.43
C ASP A 573 -9.16 -4.51 -33.75
N ALA A 574 -10.08 -5.29 -34.29
CA ALA A 574 -10.37 -6.61 -33.72
C ALA A 574 -9.13 -7.50 -33.70
N ALA A 575 -8.27 -7.34 -34.71
CA ALA A 575 -7.06 -8.14 -34.81
C ALA A 575 -6.10 -7.83 -33.65
N ASP A 576 -6.08 -6.58 -33.21
CA ASP A 576 -5.24 -6.19 -32.07
C ASP A 576 -5.75 -6.83 -30.80
N VAL A 577 -7.07 -6.88 -30.65
CA VAL A 577 -7.66 -7.51 -29.49
C VAL A 577 -7.42 -9.02 -29.52
N ALA A 578 -7.51 -9.64 -30.71
CA ALA A 578 -7.20 -11.05 -30.82
C ALA A 578 -5.73 -11.29 -30.44
N ALA A 579 -4.86 -10.40 -30.89
CA ALA A 579 -3.44 -10.52 -30.55
C ALA A 579 -3.21 -10.36 -29.05
N ALA A 580 -3.97 -9.46 -28.42
CA ALA A 580 -3.85 -9.24 -26.99
C ALA A 580 -4.24 -10.50 -26.23
N LEU A 581 -5.13 -11.28 -26.83
CA LEU A 581 -5.67 -12.47 -26.18
C LEU A 581 -4.99 -13.78 -26.58
N ALA A 582 -4.02 -13.72 -27.48
CA ALA A 582 -3.42 -14.95 -28.00
C ALA A 582 -2.61 -15.73 -26.95
N VAL A 583 -2.67 -17.05 -27.04
CA VAL A 583 -1.83 -17.92 -26.21
C VAL A 583 -0.99 -18.75 -27.14
N ASP A 584 0.29 -18.40 -27.24
CA ASP A 584 1.18 -19.05 -28.17
C ASP A 584 2.04 -20.06 -27.41
N ALA A 585 1.94 -21.33 -27.79
CA ALA A 585 2.63 -22.39 -27.06
C ALA A 585 4.14 -22.19 -27.05
N ASP A 586 4.70 -21.75 -28.18
CA ASP A 586 6.13 -21.49 -28.25
C ASP A 586 6.57 -20.44 -27.23
N GLU A 587 5.82 -19.34 -27.15
CA GLU A 587 6.16 -18.28 -26.20
C GLU A 587 6.08 -18.80 -24.76
N TRP A 588 5.09 -19.64 -24.49
CA TRP A 588 4.94 -20.22 -23.15
C TRP A 588 5.98 -21.28 -22.84
N ARG A 589 6.48 -21.98 -23.86
CA ARG A 589 7.60 -22.89 -23.60
C ARG A 589 8.85 -22.12 -23.20
N GLN A 590 8.99 -20.91 -23.74
CA GLN A 590 10.12 -20.05 -23.40
C GLN A 590 9.95 -19.48 -22.01
N GLU A 591 8.70 -19.36 -21.58
CA GLU A 591 8.38 -18.82 -20.26
C GLU A 591 8.72 -19.83 -19.17
N LEU A 592 8.66 -21.12 -19.50
CA LEU A 592 8.84 -22.18 -18.50
C LEU A 592 10.16 -22.12 -17.73
N PRO A 593 11.30 -22.02 -18.44
CA PRO A 593 12.52 -21.97 -17.62
C PRO A 593 12.63 -20.73 -16.75
N LEU A 594 12.02 -19.61 -17.13
CA LEU A 594 12.01 -18.44 -16.27
C LEU A 594 11.26 -18.74 -14.97
N ILE A 595 10.09 -19.38 -15.09
CA ILE A 595 9.30 -19.74 -13.92
C ILE A 595 10.07 -20.74 -13.08
N GLU A 596 10.73 -21.68 -13.74
CA GLU A 596 11.48 -22.70 -13.00
C GLU A 596 12.63 -22.09 -12.18
N GLU A 597 13.34 -21.12 -12.73
CA GLU A 597 14.42 -20.53 -11.95
C GLU A 597 13.87 -19.75 -10.75
N TRP A 598 12.69 -19.15 -10.91
CA TRP A 598 12.04 -18.49 -9.79
C TRP A 598 11.62 -19.51 -8.71
N LEU A 599 11.03 -20.62 -9.12
CA LEU A 599 10.60 -21.63 -8.15
C LEU A 599 11.79 -22.19 -7.39
N GLN A 600 12.94 -22.28 -8.05
CA GLN A 600 14.15 -22.74 -7.37
C GLN A 600 14.61 -21.71 -6.35
N PHE A 601 14.51 -20.44 -6.71
CA PHE A 601 14.88 -19.35 -5.82
C PHE A 601 14.05 -19.33 -4.55
N VAL A 602 12.76 -19.67 -4.66
CA VAL A 602 11.88 -19.75 -3.51
C VAL A 602 12.45 -20.68 -2.44
N GLY A 603 13.15 -21.73 -2.89
CA GLY A 603 13.97 -22.52 -1.99
C GLY A 603 13.28 -23.69 -1.34
N GLU A 604 13.78 -24.07 -0.17
CA GLU A 604 13.36 -25.32 0.46
C GLU A 604 11.88 -25.36 0.82
N LYS A 605 11.29 -24.17 1.04
CA LYS A 605 9.90 -24.09 1.49
C LYS A 605 8.87 -24.00 0.35
N LEU A 606 9.33 -24.14 -0.89
CA LEU A 606 8.40 -24.17 -2.03
C LEU A 606 7.40 -25.31 -1.86
N PRO A 607 6.10 -24.98 -1.82
CA PRO A 607 5.07 -26.02 -1.68
C PRO A 607 5.04 -26.98 -2.87
N THR A 608 4.90 -28.28 -2.58
CA THR A 608 4.73 -29.27 -3.64
C THR A 608 3.55 -28.87 -4.52
N GLY A 609 2.53 -28.28 -3.93
CA GLY A 609 1.36 -27.84 -4.68
C GLY A 609 1.69 -26.82 -5.76
N VAL A 610 2.71 -25.99 -5.51
CA VAL A 610 3.10 -25.01 -6.52
C VAL A 610 3.90 -25.71 -7.63
N LYS A 611 4.83 -26.56 -7.25
CA LYS A 611 5.55 -27.36 -8.24
C LYS A 611 4.58 -28.19 -9.08
N ASP A 612 3.53 -28.73 -8.44
CA ASP A 612 2.50 -29.49 -9.15
C ASP A 612 1.86 -28.70 -10.28
N GLU A 613 1.60 -27.43 -10.01
CA GLU A 613 0.97 -26.59 -11.02
C GLU A 613 1.95 -26.26 -12.15
N PHE A 614 3.23 -26.08 -11.82
CA PHE A 614 4.24 -25.92 -12.86
C PHE A 614 4.28 -27.15 -13.78
N ASP A 615 4.34 -28.35 -13.17
CA ASP A 615 4.39 -29.59 -13.94
C ASP A 615 3.16 -29.72 -14.83
N ALA A 616 1.99 -29.40 -14.27
CA ALA A 616 0.74 -29.49 -15.03
C ALA A 616 0.73 -28.54 -16.20
N LEU A 617 1.23 -27.31 -16.00
CA LEU A 617 1.33 -26.34 -17.10
C LEU A 617 2.27 -26.88 -18.17
N LYS A 618 3.41 -27.42 -17.75
CA LYS A 618 4.38 -27.93 -18.72
C LYS A 618 3.77 -29.06 -19.55
N GLU A 619 3.02 -29.93 -18.89
CA GLU A 619 2.38 -31.04 -19.60
C GLU A 619 1.30 -30.57 -20.59
N ARG A 620 0.51 -29.58 -20.19
CA ARG A 620 -0.55 -29.06 -21.07
C ARG A 620 0.05 -28.40 -22.29
N LEU A 621 1.23 -27.83 -22.14
CA LEU A 621 1.87 -27.12 -23.25
C LEU A 621 2.41 -28.08 -24.30
N GLY A 622 2.88 -29.25 -23.84
CA GLY A 622 3.52 -30.20 -24.73
C GLY A 622 4.72 -29.64 -25.47
C1 GOL B . 12.64 -5.37 1.22
O1 GOL B . 11.55 -4.60 1.69
C2 GOL B . 12.68 -6.73 1.93
O2 GOL B . 11.53 -7.49 1.59
C3 GOL B . 12.77 -6.49 3.43
O3 GOL B . 12.87 -7.71 4.14
P PO4 C . 2.35 2.77 -8.26
O1 PO4 C . 1.98 4.15 -7.78
O2 PO4 C . 1.10 2.06 -8.68
O3 PO4 C . 3.28 2.87 -9.44
O4 PO4 C . 3.04 2.02 -7.14
C1 PEP D . 5.47 -1.94 -5.06
O1 PEP D . 4.59 -2.79 -5.39
O2' PEP D . 6.68 -2.14 -5.29
C2 PEP D . 5.02 -0.68 -4.38
C3 PEP D . 5.79 0.42 -4.46
O2 PEP D . 3.63 -0.54 -4.27
P PEP D . 2.93 0.70 -3.58
O1P PEP D . 3.70 1.15 -2.36
O2P PEP D . 2.89 1.84 -4.58
O3P PEP D . 1.53 0.29 -3.16
#